data_1RJ5
#
_entry.id   1RJ5
#
_cell.length_a   59.0
_cell.length_b   75.6
_cell.length_c   73.2
_cell.angle_alpha   90.0
_cell.angle_beta   98.9
_cell.angle_gamma   90.0
#
_symmetry.space_group_name_H-M   'P 1 21 1'
#
loop_
_entity.id
_entity.type
_entity.pdbx_description
1 polymer 'Carbonic anhydrase XIV'
2 branched 2-acetamido-2-deoxy-beta-D-glucopyranose-(1-4)-2-acetamido-2-deoxy-beta-D-glucopyranose
3 branched beta-D-mannopyranose-(1-4)-2-acetamido-2-deoxy-beta-D-glucopyranose-(1-4)-2-acetamido-2-deoxy-beta-D-glucopyranose
4 non-polymer 'ZINC ION'
5 non-polymer 'CHLORIDE ION'
6 non-polymer 'ACETIC ACID'
7 water water
#
_entity_poly.entity_id   1
_entity_poly.type   'polypeptide(L)'
_entity_poly.pdbx_seq_one_letter_code
;GGHHWTYEGPHGQDHWPTSYPECGGDAQSPINIQTDSVIFDPDLPAVQPHGYDQLGTEPLDLHNNGHTVQLSLPPTLHLG
GLPRKYTAAQLHLHWGQRGSLEGSEHHINSEATAAELHVVHYDSQSYSSLSEAAQKPQGLAVLGILIEVGETENPAYDHI
LSRLHEIRYKDQKTSVPPFSVRELFPQQLEQFFRYNGSLTTPPCYQSVLWTVFNRRAQISMGQLEKLQETLSSTEEDPSE
PLVQNYRVPQPLNQRTIFASF
;
_entity_poly.pdbx_strand_id   A,B
#
# COMPACT_ATOMS: atom_id res chain seq x y z
N HIS A 3 29.24 7.26 8.04
CA HIS A 3 29.23 6.07 8.92
C HIS A 3 27.81 5.72 9.38
N HIS A 4 26.84 6.55 8.99
CA HIS A 4 25.46 6.30 9.37
C HIS A 4 24.62 5.72 8.24
N TRP A 5 24.26 4.45 8.37
CA TRP A 5 23.46 3.79 7.36
C TRP A 5 22.02 4.28 7.38
N THR A 6 21.36 4.22 6.23
CA THR A 6 19.97 4.63 6.07
C THR A 6 19.31 3.49 5.32
N TYR A 7 18.01 3.59 5.07
CA TYR A 7 17.32 2.52 4.34
C TYR A 7 17.42 2.60 2.81
N GLU A 8 17.12 3.77 2.25
CA GLU A 8 17.21 4.02 0.80
C GLU A 8 18.21 5.16 0.57
N GLY A 9 18.81 5.21 -0.60
CA GLY A 9 19.77 6.26 -0.88
C GLY A 9 21.20 5.81 -1.08
N PRO A 10 22.17 6.73 -0.98
CA PRO A 10 23.60 6.46 -1.15
C PRO A 10 24.13 5.43 -0.17
N HIS A 11 23.53 5.41 1.01
CA HIS A 11 23.94 4.49 2.07
C HIS A 11 22.78 3.55 2.43
N GLY A 12 21.89 3.35 1.47
CA GLY A 12 20.74 2.48 1.68
C GLY A 12 21.08 1.01 1.83
N GLN A 13 20.04 0.20 2.07
CA GLN A 13 20.20 -1.24 2.25
C GLN A 13 20.99 -1.89 1.14
N ASP A 14 21.03 -1.23 -0.02
CA ASP A 14 21.77 -1.73 -1.16
C ASP A 14 23.26 -1.69 -0.93
N HIS A 15 23.73 -0.76 -0.09
CA HIS A 15 25.16 -0.63 0.17
C HIS A 15 25.61 -1.17 1.51
N TRP A 16 24.69 -1.74 2.28
CA TRP A 16 25.07 -2.26 3.59
C TRP A 16 26.23 -3.25 3.53
N PRO A 17 26.22 -4.18 2.54
CA PRO A 17 27.31 -5.16 2.44
C PRO A 17 28.70 -4.51 2.39
N THR A 18 28.76 -3.33 1.78
CA THR A 18 30.03 -2.60 1.66
C THR A 18 30.64 -2.27 3.03
N SER A 19 29.83 -1.65 3.89
CA SER A 19 30.29 -1.26 5.22
C SER A 19 29.99 -2.29 6.31
N TYR A 20 29.10 -3.23 6.02
CA TYR A 20 28.77 -4.29 6.97
C TYR A 20 28.73 -5.59 6.19
N PRO A 21 29.87 -6.29 6.13
CA PRO A 21 30.03 -7.58 5.41
C PRO A 21 28.96 -8.61 5.75
N GLU A 22 28.63 -8.73 7.02
CA GLU A 22 27.61 -9.69 7.46
C GLU A 22 26.29 -9.48 6.72
N CYS A 23 26.02 -8.24 6.28
CA CYS A 23 24.76 -7.94 5.58
C CYS A 23 24.60 -8.66 4.26
N GLY A 24 25.70 -9.18 3.73
CA GLY A 24 25.67 -9.91 2.48
C GLY A 24 25.78 -11.39 2.77
N GLY A 25 25.44 -11.77 4.01
CA GLY A 25 25.51 -13.17 4.41
C GLY A 25 24.59 -14.11 3.63
N ASP A 26 24.74 -15.41 3.88
CA ASP A 26 23.93 -16.40 3.19
C ASP A 26 22.57 -16.65 3.86
N ALA A 27 22.42 -16.25 5.12
CA ALA A 27 21.16 -16.46 5.82
C ALA A 27 20.59 -15.15 6.38
N GLN A 28 20.33 -14.21 5.48
CA GLN A 28 19.80 -12.91 5.85
C GLN A 28 18.27 -12.85 5.89
N SER A 29 17.76 -11.87 6.62
CA SER A 29 16.31 -11.67 6.74
C SER A 29 16.06 -10.22 6.29
N PRO A 30 14.82 -9.88 5.95
CA PRO A 30 13.66 -10.78 5.94
C PRO A 30 13.62 -11.63 4.67
N ILE A 31 12.62 -12.50 4.56
CA ILE A 31 12.47 -13.37 3.40
C ILE A 31 11.01 -13.41 2.97
N ASN A 32 10.78 -13.78 1.72
CA ASN A 32 9.43 -13.91 1.20
C ASN A 32 9.03 -15.35 1.44
N ILE A 33 8.11 -15.57 2.38
CA ILE A 33 7.68 -16.93 2.69
C ILE A 33 6.67 -17.47 1.70
N GLN A 34 7.06 -18.52 0.98
CA GLN A 34 6.18 -19.16 0.00
C GLN A 34 5.51 -20.38 0.64
N THR A 35 4.24 -20.24 1.00
CA THR A 35 3.50 -21.31 1.64
C THR A 35 3.56 -22.69 0.98
N ASP A 36 3.87 -22.74 -0.31
CA ASP A 36 3.94 -24.03 -0.99
C ASP A 36 5.20 -24.78 -0.58
N SER A 37 6.27 -24.03 -0.34
CA SER A 37 7.58 -24.59 0.04
C SER A 37 7.70 -24.86 1.53
N VAL A 38 6.72 -24.40 2.29
CA VAL A 38 6.75 -24.58 3.74
C VAL A 38 6.67 -26.05 4.14
N ILE A 39 7.64 -26.48 4.94
CA ILE A 39 7.72 -27.85 5.43
C ILE A 39 6.96 -27.97 6.76
N PHE A 40 5.85 -28.69 6.74
CA PHE A 40 5.05 -28.87 7.94
C PHE A 40 5.84 -29.60 8.99
N ASP A 41 5.80 -29.13 10.23
CA ASP A 41 6.51 -29.78 11.33
C ASP A 41 5.60 -29.94 12.53
N PRO A 42 4.87 -31.06 12.62
CA PRO A 42 3.94 -31.32 13.72
C PRO A 42 4.63 -31.40 15.09
N ASP A 43 5.96 -31.44 15.10
CA ASP A 43 6.67 -31.52 16.36
C ASP A 43 7.13 -30.16 16.91
N LEU A 44 6.79 -29.08 16.22
CA LEU A 44 7.14 -27.74 16.69
C LEU A 44 6.23 -27.39 17.85
N PRO A 45 6.82 -27.06 19.03
CA PRO A 45 6.01 -26.71 20.20
C PRO A 45 5.45 -25.30 20.01
N ALA A 46 4.37 -24.97 20.73
CA ALA A 46 3.76 -23.65 20.58
C ALA A 46 4.62 -22.52 21.15
N VAL A 47 4.64 -21.38 20.46
CA VAL A 47 5.38 -20.22 20.92
C VAL A 47 4.49 -19.65 22.01
N GLN A 48 4.96 -19.71 23.25
CA GLN A 48 4.16 -19.21 24.35
C GLN A 48 4.81 -18.09 25.17
N PRO A 49 4.33 -16.85 24.99
CA PRO A 49 4.84 -15.68 25.72
C PRO A 49 4.35 -15.72 27.17
N HIS A 50 5.29 -15.98 28.10
CA HIS A 50 4.95 -16.06 29.52
C HIS A 50 4.67 -14.68 30.13
N GLY A 51 3.40 -14.44 30.43
CA GLY A 51 2.99 -13.19 31.04
C GLY A 51 3.43 -11.91 30.35
N TYR A 52 3.15 -11.80 29.05
CA TYR A 52 3.50 -10.60 28.31
C TYR A 52 2.41 -9.55 28.51
N ASP A 53 1.53 -9.80 29.47
CA ASP A 53 0.47 -8.85 29.80
C ASP A 53 0.84 -8.16 31.11
N GLN A 54 1.91 -8.64 31.76
CA GLN A 54 2.39 -8.10 33.03
C GLN A 54 3.78 -7.46 32.85
N LEU A 55 3.80 -6.16 32.58
CA LEU A 55 5.06 -5.46 32.40
C LEU A 55 5.49 -4.72 33.66
N GLY A 56 5.00 -5.21 34.79
CA GLY A 56 5.33 -4.62 36.06
C GLY A 56 4.68 -3.28 36.36
N THR A 57 5.45 -2.42 37.03
CA THR A 57 5.01 -1.11 37.48
C THR A 57 5.81 0.08 36.92
N GLU A 58 7.07 -0.15 36.62
CA GLU A 58 7.94 0.91 36.13
C GLU A 58 7.67 1.38 34.71
N PRO A 59 7.78 2.71 34.48
CA PRO A 59 7.56 3.30 33.16
C PRO A 59 8.42 2.59 32.13
N LEU A 60 7.88 2.36 30.94
CA LEU A 60 8.66 1.70 29.90
C LEU A 60 9.30 2.80 29.07
N ASP A 61 10.48 2.55 28.53
CA ASP A 61 11.15 3.55 27.71
C ASP A 61 10.76 3.40 26.23
N LEU A 62 10.28 4.50 25.64
CA LEU A 62 9.86 4.55 24.24
C LEU A 62 10.71 5.58 23.51
N HIS A 63 11.60 5.16 22.61
CA HIS A 63 12.42 6.15 21.91
C HIS A 63 12.48 6.11 20.38
N ASN A 64 13.18 7.10 19.82
CA ASN A 64 13.36 7.30 18.38
C ASN A 64 14.82 7.10 17.93
N ASN A 65 15.03 6.19 16.99
CA ASN A 65 16.37 5.89 16.46
C ASN A 65 16.63 6.61 15.17
N GLY A 66 15.58 7.20 14.59
CA GLY A 66 15.72 7.85 13.31
C GLY A 66 15.53 6.74 12.29
N HIS A 67 15.40 5.52 12.82
CA HIS A 67 15.21 4.32 12.02
C HIS A 67 13.89 3.63 12.38
N THR A 68 13.42 3.87 13.61
CA THR A 68 12.17 3.27 14.08
C THR A 68 11.81 3.76 15.48
N VAL A 69 10.60 3.41 15.92
CA VAL A 69 10.16 3.73 17.26
C VAL A 69 10.37 2.43 18.04
N GLN A 70 11.09 2.49 19.16
CA GLN A 70 11.38 1.30 19.95
C GLN A 70 10.97 1.41 21.42
N LEU A 71 10.27 0.39 21.89
CA LEU A 71 9.79 0.31 23.27
C LEU A 71 10.76 -0.62 24.00
N SER A 72 10.99 -0.37 25.29
CA SER A 72 11.88 -1.23 26.04
C SER A 72 11.05 -2.23 26.82
N LEU A 73 11.60 -3.41 27.10
CA LEU A 73 10.86 -4.43 27.83
C LEU A 73 11.63 -4.99 29.03
N PRO A 74 10.94 -5.26 30.14
CA PRO A 74 11.56 -5.79 31.36
C PRO A 74 12.15 -7.19 31.14
N PRO A 75 13.16 -7.58 31.93
CA PRO A 75 13.75 -8.91 31.77
C PRO A 75 12.84 -9.98 32.34
N THR A 76 11.70 -9.58 32.91
CA THR A 76 10.78 -10.55 33.48
C THR A 76 9.96 -11.24 32.39
N LEU A 77 10.01 -10.70 31.17
CA LEU A 77 9.28 -11.30 30.06
C LEU A 77 10.11 -12.45 29.48
N HIS A 78 9.56 -13.66 29.56
CA HIS A 78 10.25 -14.85 29.09
C HIS A 78 9.48 -15.59 27.98
N LEU A 79 10.16 -15.80 26.86
CA LEU A 79 9.57 -16.50 25.72
C LEU A 79 9.89 -18.00 25.76
N GLY A 80 8.85 -18.83 25.80
CA GLY A 80 9.05 -20.27 25.82
C GLY A 80 8.65 -20.98 24.54
N GLY A 81 9.07 -22.23 24.39
CA GLY A 81 8.74 -23.00 23.20
C GLY A 81 9.89 -23.13 22.21
N LEU A 82 10.99 -22.44 22.46
CA LEU A 82 12.15 -22.50 21.57
C LEU A 82 13.21 -23.43 22.14
N PRO A 83 14.30 -23.70 21.39
CA PRO A 83 15.39 -24.58 21.82
C PRO A 83 16.07 -24.17 23.12
N ARG A 84 16.16 -22.87 23.36
CA ARG A 84 16.77 -22.33 24.58
C ARG A 84 15.75 -21.41 25.21
N LYS A 85 16.05 -20.91 26.40
CA LYS A 85 15.14 -19.99 27.07
C LYS A 85 15.52 -18.58 26.69
N TYR A 86 14.55 -17.85 26.12
CA TYR A 86 14.81 -16.48 25.69
C TYR A 86 14.12 -15.42 26.54
N THR A 87 14.76 -14.26 26.60
CA THR A 87 14.24 -13.14 27.39
C THR A 87 13.98 -11.90 26.52
N ALA A 88 12.76 -11.37 26.60
CA ALA A 88 12.39 -10.19 25.83
C ALA A 88 13.28 -9.03 26.23
N ALA A 89 13.65 -8.21 25.25
CA ALA A 89 14.52 -7.07 25.51
C ALA A 89 13.96 -5.79 24.92
N GLN A 90 13.51 -5.87 23.67
CA GLN A 90 12.97 -4.69 23.02
C GLN A 90 11.88 -5.02 22.01
N LEU A 91 11.24 -3.97 21.51
CA LEU A 91 10.15 -4.12 20.57
C LEU A 91 10.13 -2.85 19.72
N HIS A 92 9.90 -3.01 18.42
CA HIS A 92 9.85 -1.87 17.51
C HIS A 92 9.00 -2.16 16.29
N LEU A 93 8.89 -1.18 15.39
CA LEU A 93 8.06 -1.31 14.20
C LEU A 93 8.75 -0.97 12.89
N HIS A 94 8.10 -1.37 11.80
CA HIS A 94 8.56 -1.11 10.45
C HIS A 94 7.31 -0.73 9.68
N TRP A 95 7.40 0.30 8.85
CA TRP A 95 6.24 0.74 8.10
C TRP A 95 6.64 1.37 6.79
N GLY A 96 5.67 1.49 5.89
CA GLY A 96 5.94 2.08 4.60
C GLY A 96 5.63 3.55 4.63
N GLN A 97 5.96 4.24 3.55
CA GLN A 97 5.70 5.67 3.50
C GLN A 97 4.22 6.01 3.48
N ARG A 98 3.95 7.29 3.70
CA ARG A 98 2.60 7.83 3.73
C ARG A 98 1.90 7.51 2.41
N GLY A 99 0.69 6.98 2.51
CA GLY A 99 -0.05 6.65 1.31
C GLY A 99 0.09 5.21 0.84
N SER A 100 1.13 4.53 1.31
CA SER A 100 1.36 3.13 0.93
C SER A 100 0.71 2.20 1.94
N LEU A 101 0.38 1.00 1.48
CA LEU A 101 -0.23 -0.01 2.35
C LEU A 101 0.71 -1.22 2.39
N GLU A 102 1.97 -0.96 2.10
CA GLU A 102 3.01 -1.97 2.11
C GLU A 102 4.17 -1.43 2.90
N GLY A 103 4.34 -1.94 4.11
CA GLY A 103 5.42 -1.47 4.97
C GLY A 103 6.13 -2.58 5.74
N SER A 104 5.61 -3.81 5.64
CA SER A 104 6.22 -4.92 6.36
C SER A 104 7.53 -5.35 5.69
N GLU A 105 8.31 -6.14 6.40
CA GLU A 105 9.59 -6.61 5.88
C GLU A 105 9.44 -8.02 5.31
N HIS A 106 8.69 -8.86 6.03
CA HIS A 106 8.44 -10.21 5.59
C HIS A 106 7.22 -10.21 4.66
N HIS A 107 7.24 -11.10 3.66
CA HIS A 107 6.14 -11.25 2.69
C HIS A 107 5.58 -12.66 2.89
N ILE A 108 4.37 -12.87 2.40
CA ILE A 108 3.72 -14.18 2.43
C ILE A 108 3.16 -14.39 1.01
N ASN A 109 3.86 -15.22 0.24
CA ASN A 109 3.48 -15.49 -1.14
C ASN A 109 3.51 -14.19 -1.91
N SER A 110 4.61 -13.45 -1.72
CA SER A 110 4.85 -12.17 -2.36
C SER A 110 3.99 -10.99 -1.91
N GLU A 111 3.14 -11.20 -0.91
CA GLU A 111 2.28 -10.14 -0.40
C GLU A 111 2.78 -9.54 0.92
N ALA A 112 2.93 -8.23 0.94
CA ALA A 112 3.38 -7.50 2.13
C ALA A 112 2.19 -6.80 2.76
N THR A 113 2.25 -6.60 4.08
CA THR A 113 1.17 -5.91 4.79
C THR A 113 1.59 -4.46 5.04
N ALA A 114 0.73 -3.72 5.74
CA ALA A 114 0.98 -2.32 6.05
C ALA A 114 2.16 -2.02 6.99
N ALA A 115 2.41 -2.90 7.95
CA ALA A 115 3.50 -2.74 8.92
C ALA A 115 3.87 -4.05 9.60
N GLU A 116 5.03 -4.09 10.22
CA GLU A 116 5.47 -5.31 10.89
C GLU A 116 6.08 -5.01 12.26
N LEU A 117 5.66 -5.80 13.26
CA LEU A 117 6.14 -5.66 14.63
C LEU A 117 7.19 -6.71 14.96
N HIS A 118 8.34 -6.27 15.45
CA HIS A 118 9.43 -7.17 15.82
C HIS A 118 9.69 -7.14 17.32
N VAL A 119 9.62 -8.30 17.97
CA VAL A 119 9.90 -8.39 19.39
C VAL A 119 11.21 -9.14 19.52
N VAL A 120 12.28 -8.43 19.81
CA VAL A 120 13.62 -9.01 19.92
C VAL A 120 13.94 -9.64 21.28
N HIS A 121 14.37 -10.91 21.28
CA HIS A 121 14.72 -11.64 22.51
C HIS A 121 16.18 -12.09 22.47
N TYR A 122 16.71 -12.54 23.60
CA TYR A 122 18.08 -13.04 23.63
C TYR A 122 18.17 -14.22 24.57
N ASP A 123 19.05 -15.16 24.23
CA ASP A 123 19.25 -16.39 25.02
C ASP A 123 19.92 -16.08 26.35
N SER A 124 19.13 -15.88 27.40
CA SER A 124 19.68 -15.56 28.72
C SER A 124 20.06 -16.80 29.49
N GLN A 125 19.88 -17.95 28.86
CA GLN A 125 20.19 -19.23 29.47
C GLN A 125 21.62 -19.65 29.11
N SER A 126 22.10 -19.22 27.95
CA SER A 126 23.45 -19.59 27.50
C SER A 126 24.40 -18.37 27.47
N TYR A 127 23.84 -17.18 27.66
CA TYR A 127 24.67 -15.97 27.65
C TYR A 127 24.22 -14.95 28.70
N SER A 128 25.10 -14.04 29.03
CA SER A 128 24.83 -13.02 30.03
C SER A 128 23.90 -11.92 29.54
N SER A 129 24.29 -11.26 28.45
CA SER A 129 23.52 -10.16 27.89
C SER A 129 23.14 -10.29 26.41
N LEU A 130 22.21 -9.44 25.99
CA LEU A 130 21.71 -9.38 24.61
C LEU A 130 22.83 -9.11 23.61
N SER A 131 23.76 -8.22 23.96
CA SER A 131 24.87 -7.90 23.08
C SER A 131 25.79 -9.10 22.95
N GLU A 132 25.88 -9.90 23.99
CA GLU A 132 26.73 -11.09 23.97
C GLU A 132 26.16 -12.12 22.99
N ALA A 133 24.84 -12.24 22.99
CA ALA A 133 24.15 -13.19 22.12
C ALA A 133 23.95 -12.65 20.69
N ALA A 134 23.96 -11.33 20.53
CA ALA A 134 23.79 -10.74 19.20
C ALA A 134 24.68 -11.38 18.13
N GLN A 135 25.83 -11.94 18.52
CA GLN A 135 26.71 -12.57 17.53
C GLN A 135 26.98 -14.04 17.81
N LYS A 136 26.05 -14.68 18.49
CA LYS A 136 26.18 -16.09 18.79
C LYS A 136 25.14 -16.85 17.99
N PRO A 137 25.52 -18.04 17.49
CA PRO A 137 24.56 -18.83 16.72
C PRO A 137 23.33 -19.05 17.58
N GLN A 138 22.15 -18.67 17.08
CA GLN A 138 20.90 -18.85 17.82
C GLN A 138 20.81 -17.96 19.06
N GLY A 139 21.67 -16.96 19.13
CA GLY A 139 21.69 -16.06 20.28
C GLY A 139 20.44 -15.24 20.49
N LEU A 140 19.88 -14.74 19.41
CA LEU A 140 18.66 -13.93 19.46
C LEU A 140 17.45 -14.72 18.95
N ALA A 141 16.26 -14.27 19.36
CA ALA A 141 15.01 -14.88 18.93
C ALA A 141 14.00 -13.75 18.76
N VAL A 142 13.57 -13.53 17.53
CA VAL A 142 12.62 -12.45 17.28
C VAL A 142 11.24 -12.99 16.91
N LEU A 143 10.22 -12.19 17.24
CA LEU A 143 8.85 -12.52 16.92
C LEU A 143 8.38 -11.50 15.89
N GLY A 144 7.92 -11.97 14.73
CA GLY A 144 7.45 -11.05 13.72
C GLY A 144 5.94 -11.09 13.61
N ILE A 145 5.30 -9.94 13.84
CA ILE A 145 3.86 -9.83 13.75
C ILE A 145 3.56 -8.95 12.56
N LEU A 146 2.85 -9.46 11.56
CA LEU A 146 2.50 -8.67 10.39
C LEU A 146 1.25 -7.86 10.75
N ILE A 147 1.23 -6.60 10.31
CA ILE A 147 0.13 -5.70 10.62
C ILE A 147 -0.66 -5.23 9.39
N GLU A 148 -1.95 -5.50 9.41
CA GLU A 148 -2.87 -5.10 8.35
C GLU A 148 -3.75 -3.93 8.84
N VAL A 149 -4.45 -3.27 7.92
CA VAL A 149 -5.33 -2.17 8.27
C VAL A 149 -6.78 -2.66 8.41
N GLY A 150 -7.30 -2.65 9.62
CA GLY A 150 -8.67 -3.08 9.84
C GLY A 150 -9.62 -1.89 9.93
N GLU A 151 -10.90 -2.18 10.18
CA GLU A 151 -11.88 -1.11 10.27
C GLU A 151 -12.05 -0.59 11.69
N THR A 152 -11.59 -1.32 12.69
CA THR A 152 -11.69 -0.87 14.07
C THR A 152 -10.35 -0.37 14.62
N GLU A 153 -10.43 0.55 15.58
CA GLU A 153 -9.27 1.16 16.23
C GLU A 153 -8.64 0.14 17.18
N ASN A 154 -7.33 -0.10 17.08
CA ASN A 154 -6.68 -1.05 17.97
C ASN A 154 -6.11 -0.38 19.22
N PRO A 155 -6.77 -0.58 20.38
CA PRO A 155 -6.33 0.00 21.65
C PRO A 155 -4.92 -0.43 22.09
N ALA A 156 -4.57 -1.67 21.80
CA ALA A 156 -3.25 -2.18 22.15
C ALA A 156 -2.17 -1.27 21.57
N TYR A 157 -2.32 -0.88 20.30
CA TYR A 157 -1.31 -0.03 19.68
C TYR A 157 -1.33 1.43 20.05
N ASP A 158 -2.44 1.94 20.56
CA ASP A 158 -2.46 3.35 20.93
C ASP A 158 -1.47 3.60 22.06
N HIS A 159 -1.14 2.57 22.82
CA HIS A 159 -0.19 2.74 23.91
C HIS A 159 1.14 3.23 23.37
N ILE A 160 1.31 3.18 22.05
CA ILE A 160 2.55 3.63 21.42
C ILE A 160 2.30 4.77 20.43
N LEU A 161 1.17 4.70 19.71
CA LEU A 161 0.86 5.73 18.72
C LEU A 161 0.43 7.05 19.36
N SER A 162 -0.11 6.96 20.58
CA SER A 162 -0.59 8.13 21.31
C SER A 162 0.51 8.92 21.98
N ARG A 163 1.76 8.47 21.83
CA ARG A 163 2.89 9.16 22.43
C ARG A 163 4.00 9.42 21.42
N LEU A 164 3.71 9.20 20.14
CA LEU A 164 4.73 9.41 19.11
C LEU A 164 5.12 10.87 18.95
N HIS A 165 4.20 11.79 19.23
CA HIS A 165 4.49 13.21 19.11
C HIS A 165 5.49 13.70 20.17
N GLU A 166 5.67 12.92 21.23
CA GLU A 166 6.61 13.28 22.28
C GLU A 166 8.03 12.99 21.83
N ILE A 167 8.18 12.00 20.95
CA ILE A 167 9.50 11.60 20.46
C ILE A 167 9.63 11.80 18.96
N ARG A 168 9.11 12.92 18.47
CA ARG A 168 9.15 13.24 17.04
C ARG A 168 10.52 13.07 16.39
N TYR A 169 11.51 13.77 16.94
CA TYR A 169 12.86 13.76 16.39
C TYR A 169 13.79 12.66 16.87
N LYS A 170 14.74 12.30 16.02
CA LYS A 170 15.69 11.25 16.35
C LYS A 170 16.38 11.49 17.68
N ASP A 171 16.45 10.44 18.49
CA ASP A 171 17.09 10.47 19.81
C ASP A 171 16.23 10.91 20.97
N GLN A 172 15.03 11.39 20.70
CA GLN A 172 14.16 11.81 21.79
C GLN A 172 13.59 10.55 22.45
N LYS A 173 13.35 10.58 23.76
CA LYS A 173 12.81 9.42 24.44
C LYS A 173 11.70 9.84 25.40
N THR A 174 11.09 8.86 26.05
CA THR A 174 10.01 9.13 27.00
C THR A 174 9.61 7.83 27.68
N SER A 175 8.74 7.92 28.67
CA SER A 175 8.30 6.73 29.39
C SER A 175 6.81 6.59 29.23
N VAL A 176 6.30 5.37 29.21
CA VAL A 176 4.86 5.15 29.07
C VAL A 176 4.34 4.19 30.15
N PRO A 177 3.08 4.37 30.58
CA PRO A 177 2.57 3.46 31.61
C PRO A 177 2.62 2.05 31.03
N PRO A 178 3.20 1.09 31.76
CA PRO A 178 3.28 -0.29 31.24
C PRO A 178 1.92 -0.89 30.86
N PHE A 179 1.82 -1.34 29.61
CA PHE A 179 0.59 -1.92 29.08
C PHE A 179 0.82 -3.37 28.68
N SER A 180 -0.25 -4.05 28.27
CA SER A 180 -0.14 -5.45 27.86
C SER A 180 0.36 -5.59 26.43
N VAL A 181 1.61 -6.01 26.29
CA VAL A 181 2.22 -6.22 24.97
C VAL A 181 1.57 -7.41 24.30
N ARG A 182 1.11 -8.37 25.08
CA ARG A 182 0.46 -9.56 24.57
C ARG A 182 -0.65 -9.16 23.61
N GLU A 183 -1.29 -8.03 23.89
CA GLU A 183 -2.37 -7.54 23.06
C GLU A 183 -1.93 -6.95 21.72
N LEU A 184 -0.62 -6.86 21.50
CA LEU A 184 -0.12 -6.33 20.23
C LEU A 184 0.04 -7.49 19.24
N PHE A 185 0.08 -8.72 19.78
CA PHE A 185 0.24 -9.93 18.98
C PHE A 185 -1.14 -10.41 18.53
N PRO A 186 -1.20 -11.14 17.39
CA PRO A 186 -2.52 -11.61 16.96
C PRO A 186 -3.12 -12.46 18.06
N GLN A 187 -4.46 -12.55 18.10
CA GLN A 187 -5.15 -13.31 19.14
C GLN A 187 -4.83 -14.80 19.22
N GLN A 188 -4.60 -15.44 18.06
CA GLN A 188 -4.27 -16.86 18.00
C GLN A 188 -2.83 -17.06 17.52
N LEU A 189 -2.00 -17.66 18.36
CA LEU A 189 -0.60 -17.85 18.03
C LEU A 189 -0.21 -19.25 17.58
N GLU A 190 -1.19 -20.10 17.32
CA GLU A 190 -0.91 -21.48 16.89
C GLU A 190 -0.15 -21.57 15.57
N GLN A 191 -0.58 -20.80 14.58
CA GLN A 191 0.04 -20.82 13.26
C GLN A 191 1.22 -19.87 13.08
N PHE A 192 2.39 -20.44 12.81
CA PHE A 192 3.60 -19.63 12.58
C PHE A 192 4.63 -20.36 11.73
N PHE A 193 5.58 -19.60 11.16
CA PHE A 193 6.65 -20.17 10.34
C PHE A 193 7.98 -19.97 11.09
N ARG A 194 8.84 -21.00 11.15
CA ARG A 194 10.13 -20.81 11.81
C ARG A 194 11.29 -21.01 10.84
N TYR A 195 12.37 -20.27 11.06
CA TYR A 195 13.52 -20.37 10.17
C TYR A 195 14.71 -19.56 10.70
N ASN A 196 15.91 -19.91 10.29
CA ASN A 196 17.10 -19.20 10.71
C ASN A 196 17.33 -17.97 9.87
N GLY A 197 17.37 -16.82 10.54
CA GLY A 197 17.59 -15.58 9.84
C GLY A 197 18.66 -14.74 10.50
N SER A 198 18.56 -13.42 10.28
CA SER A 198 19.52 -12.48 10.83
C SER A 198 18.78 -11.22 11.31
N LEU A 199 19.55 -10.23 11.74
CA LEU A 199 18.97 -8.96 12.15
C LEU A 199 18.64 -8.29 10.81
N THR A 200 17.63 -7.43 10.75
CA THR A 200 17.31 -6.82 9.47
C THR A 200 17.85 -5.41 9.29
N THR A 201 18.90 -5.10 10.04
CA THR A 201 19.57 -3.81 9.99
C THR A 201 21.03 -4.14 10.27
N PRO A 202 21.94 -3.26 9.82
CA PRO A 202 23.36 -3.53 10.08
C PRO A 202 23.53 -3.65 11.60
N PRO A 203 24.51 -4.45 12.07
CA PRO A 203 25.49 -5.26 11.32
C PRO A 203 24.93 -6.49 10.57
N CYS A 204 23.65 -6.77 10.74
CA CYS A 204 23.03 -7.93 10.08
C CYS A 204 23.50 -9.28 10.61
N TYR A 205 23.74 -9.40 11.91
CA TYR A 205 24.21 -10.67 12.47
C TYR A 205 23.25 -11.81 12.18
N GLN A 206 23.80 -12.99 11.91
CA GLN A 206 22.99 -14.16 11.60
C GLN A 206 22.84 -15.02 12.83
N SER A 207 22.20 -14.45 13.84
CA SER A 207 21.99 -15.12 15.10
C SER A 207 20.52 -15.25 15.46
N VAL A 208 19.64 -14.75 14.60
CA VAL A 208 18.22 -14.78 14.86
C VAL A 208 17.48 -16.05 14.49
N LEU A 209 16.69 -16.58 15.43
CA LEU A 209 15.87 -17.75 15.19
C LEU A 209 14.48 -17.15 15.05
N TRP A 210 14.09 -16.81 13.82
CA TRP A 210 12.80 -16.18 13.56
C TRP A 210 11.52 -17.00 13.73
N THR A 211 10.45 -16.28 14.05
CA THR A 211 9.12 -16.85 14.19
C THR A 211 8.13 -15.83 13.65
N VAL A 212 7.64 -16.03 12.43
CA VAL A 212 6.69 -15.10 11.83
C VAL A 212 5.28 -15.66 11.95
N PHE A 213 4.44 -15.05 12.76
CA PHE A 213 3.10 -15.58 12.91
C PHE A 213 2.29 -15.55 11.62
N ASN A 214 1.37 -16.50 11.47
CA ASN A 214 0.53 -16.59 10.29
C ASN A 214 -0.64 -15.64 10.40
N ARG A 215 -1.23 -15.53 11.58
CA ARG A 215 -2.34 -14.61 11.78
C ARG A 215 -1.80 -13.18 11.85
N ARG A 216 -2.63 -12.20 11.49
CA ARG A 216 -2.19 -10.80 11.51
C ARG A 216 -2.87 -9.93 12.58
N ALA A 217 -2.23 -8.80 12.87
CA ALA A 217 -2.74 -7.83 13.83
C ALA A 217 -3.29 -6.68 13.00
N GLN A 218 -4.39 -6.09 13.45
CA GLN A 218 -5.00 -4.99 12.71
C GLN A 218 -5.10 -3.64 13.44
N ILE A 219 -4.83 -2.57 12.70
CA ILE A 219 -4.92 -1.22 13.23
C ILE A 219 -5.70 -0.37 12.23
N SER A 220 -6.47 0.59 12.71
CA SER A 220 -7.26 1.46 11.85
C SER A 220 -6.38 2.18 10.81
N MET A 221 -7.00 2.64 9.72
CA MET A 221 -6.22 3.36 8.71
C MET A 221 -5.73 4.65 9.38
N GLY A 222 -6.48 5.12 10.38
CA GLY A 222 -6.10 6.31 11.10
C GLY A 222 -4.82 6.08 11.91
N GLN A 223 -4.74 4.93 12.55
CA GLN A 223 -3.57 4.56 13.35
C GLN A 223 -2.31 4.44 12.50
N LEU A 224 -2.47 3.89 11.31
CA LEU A 224 -1.35 3.72 10.39
C LEU A 224 -0.80 5.06 9.93
N GLU A 225 -1.68 6.04 9.73
CA GLU A 225 -1.26 7.37 9.29
C GLU A 225 -0.48 8.08 10.38
N LYS A 226 -0.94 7.94 11.62
CA LYS A 226 -0.26 8.56 12.75
C LYS A 226 1.19 8.07 12.81
N LEU A 227 1.36 6.75 12.78
CA LEU A 227 2.68 6.13 12.82
C LEU A 227 3.54 6.50 11.62
N GLN A 228 2.89 6.77 10.49
CA GLN A 228 3.57 7.10 9.24
C GLN A 228 3.98 8.55 9.11
N GLU A 229 3.16 9.42 9.65
CA GLU A 229 3.42 10.85 9.57
C GLU A 229 3.51 11.55 10.92
N THR A 230 4.48 11.17 11.75
CA THR A 230 4.66 11.81 13.05
C THR A 230 6.13 11.93 13.43
N LEU A 231 6.87 10.83 13.24
CA LEU A 231 8.28 10.79 13.57
C LEU A 231 9.16 11.30 12.44
N SER A 232 10.32 11.84 12.81
CA SER A 232 11.28 12.34 11.84
C SER A 232 12.54 11.50 12.03
N SER A 233 13.43 11.53 11.05
CA SER A 233 14.66 10.76 11.12
C SER A 233 15.83 11.65 11.51
N THR A 234 15.55 12.92 11.71
CA THR A 234 16.57 13.89 12.08
C THR A 234 16.50 14.30 13.56
N GLU A 235 17.59 14.84 14.07
CA GLU A 235 17.66 15.29 15.46
C GLU A 235 16.88 16.60 15.67
N GLU A 236 16.89 17.45 14.64
CA GLU A 236 16.19 18.73 14.68
C GLU A 236 15.74 19.08 13.27
N ASP A 237 15.02 20.19 13.14
CA ASP A 237 14.54 20.65 11.84
C ASP A 237 15.66 21.17 10.95
N PRO A 238 15.47 21.12 9.62
CA PRO A 238 14.29 20.62 8.90
C PRO A 238 14.10 19.12 9.09
N SER A 239 12.86 18.70 9.35
CA SER A 239 12.60 17.29 9.57
C SER A 239 12.54 16.53 8.25
N GLU A 240 12.52 15.21 8.33
CA GLU A 240 12.44 14.34 7.17
C GLU A 240 11.67 13.10 7.60
N PRO A 241 10.46 12.91 7.04
CA PRO A 241 9.62 11.76 7.38
C PRO A 241 10.39 10.47 7.62
N LEU A 242 10.15 9.86 8.78
CA LEU A 242 10.78 8.59 9.08
C LEU A 242 9.77 7.60 8.56
N VAL A 243 9.92 7.26 7.28
CA VAL A 243 9.03 6.33 6.59
C VAL A 243 9.90 5.42 5.75
N GLN A 244 9.33 4.34 5.23
CA GLN A 244 10.10 3.42 4.40
C GLN A 244 11.22 2.76 5.21
N ASN A 245 10.94 2.47 6.48
CA ASN A 245 11.96 1.88 7.33
C ASN A 245 11.89 0.36 7.39
N TYR A 246 11.87 -0.26 6.21
CA TYR A 246 11.81 -1.72 6.14
C TYR A 246 12.84 -2.25 5.17
N ARG A 247 13.42 -3.39 5.48
CA ARG A 247 14.39 -4.01 4.60
C ARG A 247 13.58 -4.87 3.62
N VAL A 248 14.08 -4.99 2.39
CA VAL A 248 13.43 -5.78 1.35
C VAL A 248 13.71 -7.27 1.54
N PRO A 249 12.78 -8.16 1.10
CA PRO A 249 13.02 -9.59 1.26
C PRO A 249 14.37 -9.98 0.67
N GLN A 250 15.08 -10.84 1.39
CA GLN A 250 16.42 -11.30 1.00
C GLN A 250 16.40 -12.74 0.45
N PRO A 251 17.47 -13.12 -0.25
CA PRO A 251 17.63 -14.45 -0.84
C PRO A 251 17.51 -15.56 0.20
N LEU A 252 16.70 -16.56 -0.10
CA LEU A 252 16.49 -17.70 0.81
C LEU A 252 17.69 -18.64 0.84
N ASN A 253 18.45 -18.68 -0.24
CA ASN A 253 19.62 -19.52 -0.35
C ASN A 253 19.46 -20.94 0.22
N GLN A 254 18.48 -21.67 -0.31
CA GLN A 254 18.22 -23.06 0.11
C GLN A 254 17.99 -23.27 1.60
N ARG A 255 17.20 -22.41 2.24
CA ARG A 255 16.90 -22.56 3.67
C ARG A 255 15.51 -23.17 3.85
N THR A 256 15.38 -24.05 4.82
CA THR A 256 14.09 -24.68 5.09
C THR A 256 13.22 -23.81 6.00
N ILE A 257 12.01 -23.51 5.54
CA ILE A 257 11.08 -22.71 6.32
C ILE A 257 10.02 -23.66 6.84
N PHE A 258 10.02 -23.90 8.15
CA PHE A 258 9.06 -24.79 8.78
C PHE A 258 7.81 -24.04 9.20
N ALA A 259 6.72 -24.77 9.39
CA ALA A 259 5.47 -24.18 9.82
C ALA A 259 4.79 -25.10 10.83
N SER A 260 4.20 -24.49 11.85
CA SER A 260 3.49 -25.19 12.90
C SER A 260 2.19 -25.81 12.40
N PHE A 261 1.68 -25.34 11.28
CA PHE A 261 0.44 -25.87 10.74
C PHE A 261 0.63 -26.43 9.32
N TRP B 5 6.72 -0.21 -7.90
CA TRP B 5 6.27 -0.48 -9.29
C TRP B 5 6.01 0.76 -10.16
N THR B 6 6.45 0.65 -11.41
CA THR B 6 6.29 1.71 -12.39
C THR B 6 5.38 1.16 -13.49
N TYR B 7 5.04 1.97 -14.49
CA TYR B 7 4.21 1.49 -15.59
C TYR B 7 5.13 0.82 -16.58
N GLU B 8 6.28 1.44 -16.80
CA GLU B 8 7.26 0.88 -17.71
C GLU B 8 8.61 0.75 -16.98
N GLY B 9 9.42 -0.19 -17.42
CA GLY B 9 10.72 -0.38 -16.79
C GLY B 9 10.89 -1.71 -16.08
N PRO B 10 11.90 -1.80 -15.19
CA PRO B 10 12.21 -3.01 -14.42
C PRO B 10 11.05 -3.47 -13.53
N HIS B 11 10.25 -2.52 -13.07
CA HIS B 11 9.11 -2.81 -12.21
C HIS B 11 7.82 -2.38 -12.90
N GLY B 12 7.85 -2.35 -14.24
CA GLY B 12 6.69 -1.94 -15.01
C GLY B 12 5.53 -2.92 -14.97
N GLN B 13 4.44 -2.55 -15.63
CA GLN B 13 3.24 -3.38 -15.68
C GLN B 13 3.48 -4.83 -16.09
N ASP B 14 4.55 -5.07 -16.84
CA ASP B 14 4.88 -6.43 -17.27
C ASP B 14 5.09 -7.38 -16.10
N HIS B 15 5.84 -6.91 -15.11
CA HIS B 15 6.16 -7.69 -13.93
C HIS B 15 5.20 -7.62 -12.74
N TRP B 16 4.23 -6.72 -12.78
CA TRP B 16 3.28 -6.62 -11.67
C TRP B 16 2.86 -7.99 -11.12
N PRO B 17 2.62 -8.97 -12.02
CA PRO B 17 2.21 -10.31 -11.55
C PRO B 17 3.20 -10.92 -10.55
N THR B 18 4.48 -10.60 -10.71
CA THR B 18 5.52 -11.11 -9.83
C THR B 18 5.29 -10.68 -8.38
N SER B 19 5.12 -9.38 -8.16
CA SER B 19 4.91 -8.82 -6.83
C SER B 19 3.43 -8.68 -6.42
N TYR B 20 2.54 -8.74 -7.40
CA TYR B 20 1.11 -8.66 -7.14
C TYR B 20 0.43 -9.73 -7.98
N PRO B 21 0.26 -10.93 -7.40
CA PRO B 21 -0.37 -12.08 -8.05
C PRO B 21 -1.70 -11.78 -8.71
N GLU B 22 -2.55 -11.02 -8.04
CA GLU B 22 -3.87 -10.67 -8.58
C GLU B 22 -3.74 -9.99 -9.96
N CYS B 23 -2.62 -9.34 -10.22
CA CYS B 23 -2.41 -8.65 -11.50
C CYS B 23 -2.37 -9.57 -12.71
N GLY B 24 -2.18 -10.86 -12.46
CA GLY B 24 -2.15 -11.85 -13.53
C GLY B 24 -3.46 -12.61 -13.52
N GLY B 25 -4.49 -12.02 -12.92
CA GLY B 25 -5.80 -12.66 -12.84
C GLY B 25 -6.45 -12.93 -14.18
N ASP B 26 -7.58 -13.62 -14.16
CA ASP B 26 -8.30 -13.95 -15.38
C ASP B 26 -9.26 -12.86 -15.85
N ALA B 27 -9.61 -11.93 -14.97
CA ALA B 27 -10.53 -10.86 -15.33
C ALA B 27 -9.94 -9.48 -15.07
N GLN B 28 -8.80 -9.21 -15.68
CA GLN B 28 -8.11 -7.93 -15.53
C GLN B 28 -8.58 -6.84 -16.50
N SER B 29 -8.28 -5.59 -16.14
CA SER B 29 -8.64 -4.45 -16.97
C SER B 29 -7.36 -3.68 -17.17
N PRO B 30 -7.31 -2.79 -18.18
CA PRO B 30 -8.39 -2.51 -19.14
C PRO B 30 -8.45 -3.59 -20.23
N ILE B 31 -9.41 -3.44 -21.14
CA ILE B 31 -9.57 -4.39 -22.24
C ILE B 31 -9.85 -3.62 -23.53
N ASN B 32 -9.59 -4.26 -24.66
CA ASN B 32 -9.86 -3.66 -25.95
C ASN B 32 -11.27 -4.08 -26.32
N ILE B 33 -12.21 -3.13 -26.29
CA ILE B 33 -13.59 -3.44 -26.62
C ILE B 33 -13.85 -3.52 -28.12
N GLN B 34 -14.21 -4.71 -28.59
CA GLN B 34 -14.52 -4.95 -29.99
C GLN B 34 -16.03 -4.87 -30.19
N THR B 35 -16.49 -3.78 -30.77
CA THR B 35 -17.91 -3.57 -30.99
C THR B 35 -18.68 -4.70 -31.68
N ASP B 36 -17.97 -5.53 -32.44
CA ASP B 36 -18.64 -6.64 -33.13
C ASP B 36 -19.06 -7.73 -32.12
N SER B 37 -18.23 -7.92 -31.10
CA SER B 37 -18.46 -8.92 -30.06
C SER B 37 -19.40 -8.44 -28.96
N VAL B 38 -19.72 -7.16 -28.96
CA VAL B 38 -20.58 -6.60 -27.94
C VAL B 38 -22.00 -7.18 -27.97
N ILE B 39 -22.44 -7.70 -26.83
CA ILE B 39 -23.76 -8.28 -26.69
C ILE B 39 -24.76 -7.22 -26.27
N PHE B 40 -25.68 -6.88 -27.17
CA PHE B 40 -26.69 -5.88 -26.86
C PHE B 40 -27.55 -6.33 -25.69
N ASP B 41 -27.79 -5.43 -24.73
CA ASP B 41 -28.65 -5.76 -23.58
C ASP B 41 -29.67 -4.65 -23.35
N PRO B 42 -30.85 -4.74 -23.98
CA PRO B 42 -31.89 -3.74 -23.85
C PRO B 42 -32.43 -3.59 -22.43
N ASP B 43 -32.05 -4.51 -21.54
CA ASP B 43 -32.51 -4.45 -20.16
C ASP B 43 -31.56 -3.73 -19.21
N LEU B 44 -30.44 -3.24 -19.73
CA LEU B 44 -29.49 -2.51 -18.91
C LEU B 44 -30.07 -1.13 -18.59
N PRO B 45 -30.15 -0.78 -17.29
CA PRO B 45 -30.68 0.51 -16.85
C PRO B 45 -29.65 1.61 -17.11
N ALA B 46 -30.12 2.84 -17.26
CA ALA B 46 -29.20 3.93 -17.54
C ALA B 46 -28.30 4.24 -16.35
N VAL B 47 -27.04 4.55 -16.62
CA VAL B 47 -26.10 4.91 -15.57
C VAL B 47 -26.46 6.35 -15.26
N GLN B 48 -26.99 6.60 -14.06
CA GLN B 48 -27.38 7.95 -13.70
C GLN B 48 -26.69 8.52 -12.47
N PRO B 49 -25.74 9.45 -12.67
CA PRO B 49 -25.00 10.11 -11.59
C PRO B 49 -25.90 11.11 -10.88
N HIS B 50 -26.28 10.79 -9.64
CA HIS B 50 -27.16 11.64 -8.84
C HIS B 50 -26.50 12.88 -8.28
N GLY B 51 -26.79 14.02 -8.90
CA GLY B 51 -26.23 15.28 -8.47
C GLY B 51 -24.71 15.36 -8.45
N TYR B 52 -24.08 15.01 -9.56
CA TYR B 52 -22.62 15.09 -9.63
C TYR B 52 -22.22 16.50 -10.01
N ASP B 53 -23.17 17.42 -9.95
CA ASP B 53 -22.91 18.83 -10.24
C ASP B 53 -22.89 19.58 -8.92
N GLN B 54 -23.28 18.88 -7.86
CA GLN B 54 -23.30 19.44 -6.52
C GLN B 54 -22.26 18.75 -5.64
N LEU B 55 -21.10 19.38 -5.48
CA LEU B 55 -20.03 18.83 -4.66
C LEU B 55 -19.95 19.56 -3.33
N GLY B 56 -21.06 20.16 -2.93
CA GLY B 56 -21.10 20.87 -1.68
C GLY B 56 -20.38 22.21 -1.63
N THR B 57 -19.78 22.47 -0.48
CA THR B 57 -19.08 23.72 -0.20
C THR B 57 -17.60 23.61 0.18
N GLU B 58 -17.22 22.55 0.87
CA GLU B 58 -15.85 22.41 1.30
C GLU B 58 -14.88 22.09 0.17
N PRO B 59 -13.63 22.58 0.29
CA PRO B 59 -12.60 22.32 -0.74
C PRO B 59 -12.51 20.82 -1.03
N LEU B 60 -12.12 20.48 -2.26
CA LEU B 60 -11.97 19.08 -2.64
C LEU B 60 -10.49 18.86 -2.73
N ASP B 61 -10.02 17.70 -2.28
CA ASP B 61 -8.59 17.42 -2.32
C ASP B 61 -8.07 17.10 -3.72
N LEU B 62 -6.83 17.48 -3.99
CA LEU B 62 -6.21 17.24 -5.29
C LEU B 62 -4.70 17.01 -5.15
N HIS B 63 -4.30 15.74 -5.04
CA HIS B 63 -2.87 15.41 -4.88
C HIS B 63 -2.21 14.71 -6.08
N ASN B 64 -0.90 14.52 -5.95
CA ASN B 64 -0.07 13.88 -6.96
C ASN B 64 0.41 12.56 -6.36
N ASN B 65 0.23 11.46 -7.09
CA ASN B 65 0.63 10.13 -6.61
C ASN B 65 1.98 9.71 -7.14
N GLY B 66 2.39 10.35 -8.22
CA GLY B 66 3.62 10.00 -8.87
C GLY B 66 3.18 9.04 -9.96
N HIS B 67 1.89 8.68 -9.90
CA HIS B 67 1.25 7.77 -10.84
C HIS B 67 0.10 8.45 -11.58
N THR B 68 -0.49 9.47 -10.96
CA THR B 68 -1.59 10.22 -11.55
C THR B 68 -2.00 11.39 -10.69
N VAL B 69 -2.89 12.23 -11.22
CA VAL B 69 -3.45 13.35 -10.49
C VAL B 69 -4.83 12.84 -10.04
N GLN B 70 -5.10 12.94 -8.75
CA GLN B 70 -6.36 12.45 -8.19
C GLN B 70 -7.14 13.48 -7.38
N LEU B 71 -8.42 13.61 -7.70
CA LEU B 71 -9.33 14.53 -7.04
C LEU B 71 -10.15 13.70 -6.06
N SER B 72 -10.53 14.29 -4.92
CA SER B 72 -11.31 13.56 -3.93
C SER B 72 -12.76 13.94 -4.13
N LEU B 73 -13.68 13.03 -3.77
CA LEU B 73 -15.10 13.31 -3.93
C LEU B 73 -15.91 13.04 -2.67
N PRO B 74 -16.89 13.89 -2.37
CA PRO B 74 -17.75 13.75 -1.18
C PRO B 74 -18.59 12.47 -1.22
N PRO B 75 -18.97 11.94 -0.04
CA PRO B 75 -19.77 10.72 -0.01
C PRO B 75 -21.22 11.01 -0.39
N THR B 76 -21.52 12.27 -0.69
CA THR B 76 -22.89 12.64 -1.07
C THR B 76 -23.16 12.28 -2.52
N LEU B 77 -22.10 11.98 -3.28
CA LEU B 77 -22.26 11.60 -4.70
C LEU B 77 -22.65 10.13 -4.79
N HIS B 78 -23.84 9.87 -5.31
CA HIS B 78 -24.34 8.51 -5.43
C HIS B 78 -24.63 8.07 -6.86
N LEU B 79 -24.02 6.97 -7.28
CA LEU B 79 -24.18 6.42 -8.62
C LEU B 79 -25.30 5.39 -8.66
N GLY B 80 -26.32 5.66 -9.49
CA GLY B 80 -27.42 4.72 -9.60
C GLY B 80 -27.48 3.98 -10.94
N GLY B 81 -28.29 2.92 -10.99
CA GLY B 81 -28.42 2.15 -12.22
C GLY B 81 -27.65 0.84 -12.21
N LEU B 82 -26.88 0.59 -11.15
CA LEU B 82 -26.11 -0.65 -11.05
C LEU B 82 -26.82 -1.62 -10.09
N PRO B 83 -26.32 -2.87 -9.99
CA PRO B 83 -26.90 -3.90 -9.11
C PRO B 83 -27.01 -3.52 -7.64
N ARG B 84 -26.04 -2.74 -7.15
CA ARG B 84 -26.02 -2.28 -5.76
C ARG B 84 -25.93 -0.77 -5.82
N LYS B 85 -26.02 -0.12 -4.66
CA LYS B 85 -25.91 1.33 -4.60
C LYS B 85 -24.46 1.69 -4.37
N TYR B 86 -23.89 2.46 -5.29
CA TYR B 86 -22.50 2.86 -5.17
C TYR B 86 -22.29 4.34 -4.81
N THR B 87 -21.19 4.62 -4.13
CA THR B 87 -20.84 5.96 -3.68
C THR B 87 -19.49 6.42 -4.24
N ALA B 88 -19.48 7.57 -4.91
CA ALA B 88 -18.25 8.09 -5.47
C ALA B 88 -17.23 8.35 -4.36
N ALA B 89 -15.96 8.10 -4.66
CA ALA B 89 -14.90 8.27 -3.68
C ALA B 89 -13.77 9.08 -4.25
N GLN B 90 -13.34 8.76 -5.46
CA GLN B 90 -12.23 9.48 -6.07
C GLN B 90 -12.32 9.55 -7.58
N LEU B 91 -11.44 10.33 -8.16
CA LEU B 91 -11.43 10.52 -9.59
C LEU B 91 -9.99 10.84 -9.99
N HIS B 92 -9.54 10.30 -11.12
CA HIS B 92 -8.18 10.56 -11.58
C HIS B 92 -8.07 10.39 -13.08
N LEU B 93 -6.87 10.59 -13.61
CA LEU B 93 -6.64 10.49 -15.05
C LEU B 93 -5.49 9.59 -15.49
N HIS B 94 -5.48 9.30 -16.78
CA HIS B 94 -4.44 8.48 -17.40
C HIS B 94 -4.14 9.20 -18.71
N TRP B 95 -2.87 9.31 -19.06
CA TRP B 95 -2.51 9.99 -20.29
C TRP B 95 -1.22 9.45 -20.87
N GLY B 96 -0.97 9.76 -22.13
CA GLY B 96 0.22 9.29 -22.78
C GLY B 96 1.30 10.34 -22.67
N GLN B 97 2.51 10.00 -23.12
CA GLN B 97 3.60 10.94 -23.04
C GLN B 97 3.41 12.13 -23.97
N ARG B 98 4.26 13.13 -23.75
CA ARG B 98 4.25 14.36 -24.53
C ARG B 98 4.43 14.03 -26.00
N GLY B 99 3.58 14.60 -26.84
CA GLY B 99 3.69 14.34 -28.28
C GLY B 99 2.80 13.21 -28.79
N SER B 100 2.34 12.35 -27.90
CA SER B 100 1.48 11.24 -28.30
C SER B 100 0.02 11.63 -28.17
N LEU B 101 -0.83 10.95 -28.95
CA LEU B 101 -2.25 11.22 -28.91
C LEU B 101 -2.95 9.93 -28.48
N GLU B 102 -2.16 9.06 -27.83
CA GLU B 102 -2.64 7.79 -27.30
C GLU B 102 -2.27 7.72 -25.83
N GLY B 103 -3.27 7.87 -24.96
CA GLY B 103 -2.99 7.82 -23.54
C GLY B 103 -4.04 7.10 -22.72
N SER B 104 -5.13 6.70 -23.36
CA SER B 104 -6.19 6.00 -22.65
C SER B 104 -5.79 4.55 -22.36
N GLU B 105 -6.55 3.90 -21.48
CA GLU B 105 -6.28 2.54 -21.09
C GLU B 105 -7.16 1.59 -21.86
N HIS B 106 -8.44 1.96 -21.98
CA HIS B 106 -9.40 1.16 -22.73
C HIS B 106 -9.31 1.54 -24.22
N HIS B 107 -9.50 0.56 -25.10
CA HIS B 107 -9.49 0.77 -26.55
C HIS B 107 -10.91 0.47 -27.06
N ILE B 108 -11.21 0.94 -28.27
CA ILE B 108 -12.49 0.66 -28.91
C ILE B 108 -12.12 0.25 -30.34
N ASN B 109 -12.21 -1.06 -30.61
CA ASN B 109 -11.85 -1.61 -31.91
C ASN B 109 -10.40 -1.26 -32.19
N SER B 110 -9.56 -1.51 -31.18
CA SER B 110 -8.13 -1.26 -31.24
C SER B 110 -7.67 0.20 -31.26
N GLU B 111 -8.61 1.13 -31.15
CA GLU B 111 -8.27 2.55 -31.14
C GLU B 111 -8.30 3.17 -29.73
N ALA B 112 -7.19 3.82 -29.37
CA ALA B 112 -7.07 4.48 -28.09
C ALA B 112 -7.18 5.98 -28.28
N THR B 113 -7.66 6.68 -27.25
CA THR B 113 -7.79 8.12 -27.32
C THR B 113 -6.62 8.78 -26.60
N ALA B 114 -6.66 10.10 -26.48
CA ALA B 114 -5.60 10.88 -25.85
C ALA B 114 -5.46 10.70 -24.33
N ALA B 115 -6.58 10.49 -23.63
CA ALA B 115 -6.58 10.30 -22.18
C ALA B 115 -7.85 9.63 -21.70
N GLU B 116 -7.84 9.11 -20.47
CA GLU B 116 -9.02 8.45 -19.93
C GLU B 116 -9.27 8.85 -18.48
N LEU B 117 -10.53 9.16 -18.18
CA LEU B 117 -10.95 9.58 -16.84
C LEU B 117 -11.65 8.43 -16.12
N HIS B 118 -11.18 8.13 -14.91
CA HIS B 118 -11.74 7.05 -14.10
C HIS B 118 -12.39 7.61 -12.85
N VAL B 119 -13.67 7.30 -12.64
CA VAL B 119 -14.36 7.76 -11.45
C VAL B 119 -14.64 6.50 -10.62
N VAL B 120 -13.84 6.31 -9.57
CA VAL B 120 -13.96 5.13 -8.70
C VAL B 120 -15.05 5.19 -7.63
N HIS B 121 -15.93 4.20 -7.58
CA HIS B 121 -17.01 4.15 -6.59
C HIS B 121 -16.90 2.88 -5.73
N TYR B 122 -17.66 2.80 -4.66
CA TYR B 122 -17.64 1.60 -3.82
C TYR B 122 -19.04 1.32 -3.31
N ASP B 123 -19.35 0.03 -3.17
CA ASP B 123 -20.66 -0.41 -2.70
C ASP B 123 -20.88 -0.04 -1.25
N SER B 124 -21.48 1.13 -1.04
CA SER B 124 -21.76 1.69 0.29
C SER B 124 -22.86 0.92 1.02
N GLN B 125 -23.72 0.27 0.24
CA GLN B 125 -24.81 -0.51 0.81
C GLN B 125 -24.24 -1.60 1.74
N SER B 126 -22.96 -1.94 1.56
CA SER B 126 -22.32 -2.98 2.35
C SER B 126 -21.02 -2.61 3.06
N TYR B 127 -20.23 -1.70 2.48
CA TYR B 127 -18.96 -1.32 3.07
C TYR B 127 -18.87 0.14 3.51
N SER B 128 -17.91 0.40 4.39
CA SER B 128 -17.70 1.74 4.91
C SER B 128 -16.95 2.63 3.92
N SER B 129 -15.68 2.31 3.67
CA SER B 129 -14.88 3.11 2.77
C SER B 129 -14.56 2.38 1.46
N LEU B 130 -13.73 3.03 0.65
CA LEU B 130 -13.29 2.49 -0.63
C LEU B 130 -12.38 1.30 -0.34
N SER B 131 -11.33 1.56 0.45
CA SER B 131 -10.35 0.55 0.82
C SER B 131 -10.96 -0.75 1.30
N GLU B 132 -12.14 -0.68 1.90
CA GLU B 132 -12.78 -1.89 2.39
C GLU B 132 -13.36 -2.74 1.25
N ALA B 133 -14.26 -2.16 0.47
CA ALA B 133 -14.91 -2.87 -0.63
C ALA B 133 -13.98 -3.41 -1.71
N ALA B 134 -12.82 -2.78 -1.83
CA ALA B 134 -11.78 -3.09 -2.80
C ALA B 134 -11.50 -4.56 -3.11
N GLN B 135 -11.77 -5.46 -2.17
CA GLN B 135 -11.51 -6.88 -2.43
C GLN B 135 -12.73 -7.75 -2.32
N LYS B 136 -13.89 -7.15 -2.58
CA LYS B 136 -15.13 -7.89 -2.53
C LYS B 136 -15.68 -8.01 -3.94
N PRO B 137 -16.27 -9.15 -4.27
CA PRO B 137 -16.83 -9.31 -5.61
C PRO B 137 -17.83 -8.19 -5.84
N GLN B 138 -17.65 -7.42 -6.92
CA GLN B 138 -18.56 -6.32 -7.24
C GLN B 138 -18.49 -5.18 -6.23
N GLY B 139 -17.43 -5.15 -5.43
CA GLY B 139 -17.27 -4.13 -4.41
C GLY B 139 -17.12 -2.71 -4.94
N LEU B 140 -16.32 -2.56 -6.01
CA LEU B 140 -16.10 -1.26 -6.62
C LEU B 140 -16.87 -1.13 -7.93
N ALA B 141 -17.08 0.12 -8.35
CA ALA B 141 -17.76 0.43 -9.60
C ALA B 141 -17.08 1.67 -10.18
N VAL B 142 -16.42 1.50 -11.32
CA VAL B 142 -15.73 2.63 -11.92
C VAL B 142 -16.41 3.09 -13.20
N LEU B 143 -16.25 4.38 -13.51
CA LEU B 143 -16.80 4.98 -14.72
C LEU B 143 -15.61 5.38 -15.56
N GLY B 144 -15.55 4.87 -16.79
CA GLY B 144 -14.45 5.22 -17.67
C GLY B 144 -14.90 6.18 -18.75
N ILE B 145 -14.29 7.37 -18.79
CA ILE B 145 -14.63 8.36 -19.80
C ILE B 145 -13.40 8.50 -20.70
N LEU B 146 -13.55 8.22 -21.98
CA LEU B 146 -12.43 8.35 -22.91
C LEU B 146 -12.34 9.82 -23.32
N ILE B 147 -11.12 10.32 -23.42
CA ILE B 147 -10.89 11.73 -23.76
C ILE B 147 -10.13 11.95 -25.06
N GLU B 148 -10.77 12.69 -25.96
CA GLU B 148 -10.21 13.03 -27.28
C GLU B 148 -9.80 14.52 -27.28
N VAL B 149 -9.02 14.92 -28.28
CA VAL B 149 -8.59 16.30 -28.40
C VAL B 149 -9.50 17.06 -29.36
N GLY B 150 -10.25 18.01 -28.82
CA GLY B 150 -11.15 18.81 -29.64
C GLY B 150 -10.55 20.16 -29.97
N GLU B 151 -11.34 20.98 -30.67
CA GLU B 151 -10.90 22.32 -31.06
C GLU B 151 -11.05 23.33 -29.94
N THR B 152 -12.15 23.17 -29.21
CA THR B 152 -12.46 24.10 -28.14
C THR B 152 -11.90 23.72 -26.78
N GLU B 153 -11.66 24.74 -25.96
CA GLU B 153 -11.13 24.60 -24.61
C GLU B 153 -12.23 24.06 -23.70
N ASN B 154 -11.95 22.99 -22.95
CA ASN B 154 -12.97 22.43 -22.05
C ASN B 154 -12.86 23.02 -20.64
N PRO B 155 -13.82 23.89 -20.27
CA PRO B 155 -13.85 24.53 -18.94
C PRO B 155 -13.97 23.55 -17.79
N ALA B 156 -14.72 22.48 -18.00
CA ALA B 156 -14.89 21.48 -16.95
C ALA B 156 -13.53 20.97 -16.50
N TYR B 157 -12.63 20.67 -17.44
CA TYR B 157 -11.31 20.17 -17.06
C TYR B 157 -10.32 21.18 -16.53
N ASP B 158 -10.52 22.46 -16.80
CA ASP B 158 -9.57 23.44 -16.27
C ASP B 158 -9.60 23.46 -14.75
N HIS B 159 -10.72 23.03 -14.17
CA HIS B 159 -10.83 22.98 -12.73
C HIS B 159 -9.75 22.10 -12.15
N ILE B 160 -9.07 21.33 -13.00
CA ILE B 160 -8.01 20.45 -12.55
C ILE B 160 -6.68 20.77 -13.23
N LEU B 161 -6.72 21.16 -14.50
CA LEU B 161 -5.50 21.48 -15.24
C LEU B 161 -4.87 22.81 -14.84
N SER B 162 -5.69 23.72 -14.34
CA SER B 162 -5.22 25.03 -13.92
C SER B 162 -4.45 24.99 -12.61
N ARG B 163 -4.62 23.91 -11.84
CA ARG B 163 -3.95 23.78 -10.56
C ARG B 163 -2.88 22.69 -10.51
N LEU B 164 -2.51 22.16 -11.66
CA LEU B 164 -1.50 21.11 -11.70
C LEU B 164 -0.12 21.59 -11.27
N HIS B 165 0.19 22.87 -11.50
CA HIS B 165 1.49 23.40 -11.12
C HIS B 165 1.66 23.48 -9.60
N GLU B 166 0.55 23.44 -8.86
CA GLU B 166 0.61 23.50 -7.41
C GLU B 166 1.06 22.15 -6.84
N ILE B 167 0.75 21.08 -7.55
CA ILE B 167 1.10 19.73 -7.12
C ILE B 167 2.06 19.04 -8.09
N ARG B 168 3.04 19.79 -8.58
CA ARG B 168 4.03 19.26 -9.52
C ARG B 168 4.65 17.93 -9.11
N TYR B 169 5.25 17.91 -7.93
CA TYR B 169 5.93 16.73 -7.44
C TYR B 169 5.09 15.70 -6.70
N LYS B 170 5.53 14.45 -6.74
CA LYS B 170 4.82 13.37 -6.06
C LYS B 170 4.57 13.68 -4.59
N ASP B 171 3.34 13.41 -4.16
CA ASP B 171 2.90 13.62 -2.78
C ASP B 171 2.41 15.01 -2.42
N GLN B 172 2.56 15.98 -3.31
CA GLN B 172 2.07 17.32 -3.02
C GLN B 172 0.54 17.30 -3.16
N LYS B 173 -0.16 18.09 -2.37
CA LYS B 173 -1.62 18.14 -2.46
C LYS B 173 -2.11 19.57 -2.42
N THR B 174 -3.42 19.75 -2.53
CA THR B 174 -4.02 21.08 -2.51
C THR B 174 -5.53 20.97 -2.54
N SER B 175 -6.21 22.09 -2.35
CA SER B 175 -7.68 22.10 -2.37
C SER B 175 -8.16 22.92 -3.56
N VAL B 176 -9.34 22.61 -4.08
CA VAL B 176 -9.89 23.37 -5.20
C VAL B 176 -11.34 23.68 -4.93
N PRO B 177 -11.82 24.83 -5.43
CA PRO B 177 -13.24 25.18 -5.21
C PRO B 177 -14.06 24.06 -5.86
N PRO B 178 -15.03 23.47 -5.13
CA PRO B 178 -15.85 22.40 -5.69
C PRO B 178 -16.56 22.80 -6.99
N PHE B 179 -16.33 22.03 -8.05
CA PHE B 179 -16.93 22.29 -9.35
C PHE B 179 -17.84 21.14 -9.77
N SER B 180 -18.50 21.28 -10.92
CA SER B 180 -19.39 20.23 -11.40
C SER B 180 -18.64 19.14 -12.14
N VAL B 181 -18.51 17.98 -11.50
CA VAL B 181 -17.83 16.82 -12.07
C VAL B 181 -18.66 16.26 -13.23
N ARG B 182 -19.98 16.41 -13.13
CA ARG B 182 -20.88 15.94 -14.17
C ARG B 182 -20.44 16.48 -15.52
N GLU B 183 -19.84 17.67 -15.52
CA GLU B 183 -19.38 18.30 -16.74
C GLU B 183 -18.10 17.68 -17.31
N LEU B 184 -17.50 16.75 -16.58
CA LEU B 184 -16.28 16.10 -17.07
C LEU B 184 -16.66 14.86 -17.90
N PHE B 185 -17.90 14.40 -17.71
CA PHE B 185 -18.44 13.25 -18.42
C PHE B 185 -19.02 13.70 -19.76
N PRO B 186 -19.07 12.81 -20.75
CA PRO B 186 -19.65 13.22 -22.03
C PRO B 186 -21.09 13.68 -21.80
N GLN B 187 -21.60 14.54 -22.69
CA GLN B 187 -22.95 15.09 -22.55
C GLN B 187 -24.10 14.09 -22.54
N GLN B 188 -24.01 13.05 -23.36
CA GLN B 188 -25.04 12.01 -23.41
C GLN B 188 -24.43 10.73 -22.84
N LEU B 189 -25.11 10.14 -21.85
CA LEU B 189 -24.62 8.94 -21.19
C LEU B 189 -25.40 7.67 -21.52
N GLU B 190 -26.26 7.74 -22.52
CA GLU B 190 -27.07 6.57 -22.90
C GLU B 190 -26.25 5.37 -23.36
N GLN B 191 -25.25 5.64 -24.21
CA GLN B 191 -24.43 4.57 -24.77
C GLN B 191 -23.21 4.20 -23.95
N PHE B 192 -23.16 2.97 -23.47
CA PHE B 192 -22.01 2.50 -22.68
C PHE B 192 -21.84 0.98 -22.75
N PHE B 193 -20.67 0.48 -22.39
CA PHE B 193 -20.37 -0.95 -22.39
C PHE B 193 -20.15 -1.39 -20.94
N ARG B 194 -20.74 -2.51 -20.52
CA ARG B 194 -20.53 -2.98 -19.14
C ARG B 194 -19.82 -4.32 -19.10
N TYR B 195 -18.98 -4.52 -18.09
CA TYR B 195 -18.26 -5.78 -17.99
C TYR B 195 -17.50 -5.89 -16.67
N ASN B 196 -17.20 -7.11 -16.24
CA ASN B 196 -16.47 -7.32 -15.00
C ASN B 196 -14.99 -7.17 -15.22
N GLY B 197 -14.39 -6.24 -14.49
CA GLY B 197 -12.97 -6.02 -14.61
C GLY B 197 -12.27 -5.96 -13.28
N SER B 198 -11.15 -5.26 -13.25
CA SER B 198 -10.35 -5.11 -12.05
C SER B 198 -9.82 -3.70 -11.97
N LEU B 199 -8.99 -3.45 -10.95
CA LEU B 199 -8.33 -2.16 -10.80
C LEU B 199 -7.23 -2.21 -11.85
N THR B 200 -6.82 -1.07 -12.39
CA THR B 200 -5.78 -1.11 -13.41
C THR B 200 -4.38 -0.75 -12.92
N THR B 201 -4.20 -0.93 -11.61
CA THR B 201 -2.92 -0.69 -10.94
C THR B 201 -2.85 -1.73 -9.85
N PRO B 202 -1.64 -2.09 -9.39
CA PRO B 202 -1.54 -3.08 -8.32
C PRO B 202 -2.34 -2.55 -7.14
N PRO B 203 -2.91 -3.44 -6.31
CA PRO B 203 -2.87 -4.92 -6.34
C PRO B 203 -3.66 -5.58 -7.49
N CYS B 204 -4.39 -4.79 -8.27
CA CYS B 204 -5.18 -5.31 -9.39
C CYS B 204 -6.40 -6.12 -8.96
N TYR B 205 -7.05 -5.76 -7.86
CA TYR B 205 -8.21 -6.52 -7.40
C TYR B 205 -9.29 -6.67 -8.47
N GLN B 206 -9.93 -7.83 -8.51
CA GLN B 206 -10.98 -8.07 -9.49
C GLN B 206 -12.35 -7.86 -8.86
N SER B 207 -12.59 -6.63 -8.44
CA SER B 207 -13.84 -6.26 -7.79
C SER B 207 -14.60 -5.17 -8.54
N VAL B 208 -14.03 -4.69 -9.64
CA VAL B 208 -14.64 -3.61 -10.40
C VAL B 208 -15.70 -4.00 -11.41
N LEU B 209 -16.84 -3.32 -11.34
CA LEU B 209 -17.93 -3.53 -12.28
C LEU B 209 -17.81 -2.32 -13.19
N TRP B 210 -17.05 -2.45 -14.28
CA TRP B 210 -16.82 -1.35 -15.21
C TRP B 210 -17.96 -0.86 -16.11
N THR B 211 -17.88 0.42 -16.45
CA THR B 211 -18.83 1.07 -17.33
C THR B 211 -18.04 2.05 -18.17
N VAL B 212 -17.76 1.70 -19.42
CA VAL B 212 -17.01 2.58 -20.31
C VAL B 212 -17.98 3.26 -21.27
N PHE B 213 -18.15 4.58 -21.12
CA PHE B 213 -19.09 5.27 -21.99
C PHE B 213 -18.65 5.24 -23.45
N ASN B 214 -19.63 5.24 -24.36
CA ASN B 214 -19.37 5.19 -25.79
C ASN B 214 -19.03 6.57 -26.32
N ARG B 215 -19.71 7.59 -25.81
CA ARG B 215 -19.43 8.97 -26.22
C ARG B 215 -18.15 9.43 -25.54
N ARG B 216 -17.42 10.36 -26.17
CA ARG B 216 -16.18 10.86 -25.60
C ARG B 216 -16.23 12.32 -25.12
N ALA B 217 -15.25 12.67 -24.28
CA ALA B 217 -15.12 14.03 -23.74
C ALA B 217 -13.95 14.66 -24.47
N GLN B 218 -14.05 15.94 -24.77
CA GLN B 218 -12.99 16.61 -25.51
C GLN B 218 -12.29 17.76 -24.77
N ILE B 219 -10.98 17.84 -24.94
CA ILE B 219 -10.19 18.91 -24.34
C ILE B 219 -9.23 19.42 -25.42
N SER B 220 -8.92 20.72 -25.39
CA SER B 220 -8.04 21.32 -26.39
C SER B 220 -6.66 20.65 -26.41
N MET B 221 -5.95 20.82 -27.52
CA MET B 221 -4.62 20.22 -27.62
C MET B 221 -3.78 20.91 -26.56
N GLY B 222 -4.13 22.16 -26.26
CA GLY B 222 -3.41 22.90 -25.24
C GLY B 222 -3.58 22.30 -23.85
N GLN B 223 -4.82 21.89 -23.55
CA GLN B 223 -5.14 21.29 -22.26
C GLN B 223 -4.40 19.96 -22.07
N LEU B 224 -4.32 19.19 -23.15
CA LEU B 224 -3.64 17.91 -23.13
C LEU B 224 -2.14 18.05 -22.82
N GLU B 225 -1.53 19.10 -23.37
CA GLU B 225 -0.12 19.35 -23.15
C GLU B 225 0.15 19.74 -21.71
N LYS B 226 -0.72 20.56 -21.15
CA LYS B 226 -0.57 20.99 -19.76
C LYS B 226 -0.54 19.75 -18.84
N LEU B 227 -1.54 18.87 -19.01
CA LEU B 227 -1.66 17.66 -18.23
C LEU B 227 -0.49 16.71 -18.46
N GLN B 228 0.09 16.78 -19.65
CA GLN B 228 1.21 15.91 -20.03
C GLN B 228 2.60 16.37 -19.59
N GLU B 229 2.82 17.68 -19.49
CA GLU B 229 4.14 18.18 -19.14
C GLU B 229 4.25 19.07 -17.90
N THR B 230 3.45 18.79 -16.87
CA THR B 230 3.44 19.60 -15.66
C THR B 230 3.82 18.84 -14.39
N LEU B 231 3.25 17.65 -14.24
CA LEU B 231 3.50 16.82 -13.07
C LEU B 231 4.76 15.97 -13.20
N SER B 232 5.38 15.69 -12.07
CA SER B 232 6.58 14.86 -12.03
C SER B 232 6.19 13.61 -11.23
N SER B 233 6.99 12.55 -11.35
CA SER B 233 6.71 11.31 -10.62
C SER B 233 7.59 11.20 -9.39
N THR B 234 8.44 12.20 -9.19
CA THR B 234 9.37 12.22 -8.07
C THR B 234 8.92 13.20 -6.98
N GLU B 235 9.47 13.02 -5.77
CA GLU B 235 9.15 13.88 -4.62
C GLU B 235 9.86 15.24 -4.75
N GLU B 236 11.05 15.21 -5.33
CA GLU B 236 11.84 16.41 -5.52
C GLU B 236 12.69 16.25 -6.76
N ASP B 237 13.43 17.31 -7.11
CA ASP B 237 14.29 17.28 -8.30
C ASP B 237 15.50 16.38 -8.10
N PRO B 238 16.07 15.85 -9.20
CA PRO B 238 15.66 16.04 -10.60
C PRO B 238 14.29 15.42 -10.87
N SER B 239 13.43 16.15 -11.58
CA SER B 239 12.10 15.64 -11.88
C SER B 239 12.14 14.64 -13.02
N GLU B 240 11.01 13.95 -13.21
CA GLU B 240 10.87 12.96 -14.28
C GLU B 240 9.42 13.00 -14.72
N PRO B 241 9.17 13.43 -15.95
CA PRO B 241 7.81 13.52 -16.48
C PRO B 241 6.88 12.40 -16.03
N LEU B 242 5.74 12.78 -15.48
CA LEU B 242 4.77 11.78 -15.08
C LEU B 242 3.90 11.64 -16.32
N VAL B 243 4.33 10.75 -17.22
CA VAL B 243 3.64 10.50 -18.47
C VAL B 243 3.61 9.01 -18.69
N GLN B 244 2.81 8.55 -19.64
CA GLN B 244 2.72 7.11 -19.92
C GLN B 244 2.14 6.37 -18.71
N ASN B 245 1.19 6.99 -18.02
CA ASN B 245 0.60 6.36 -16.85
C ASN B 245 -0.68 5.59 -17.15
N TYR B 246 -0.64 4.73 -18.17
CA TYR B 246 -1.81 3.92 -18.52
C TYR B 246 -1.42 2.46 -18.67
N ARG B 247 -2.29 1.56 -18.22
CA ARG B 247 -2.03 0.15 -18.34
C ARG B 247 -2.50 -0.26 -19.75
N VAL B 248 -1.81 -1.24 -20.33
CA VAL B 248 -2.14 -1.73 -21.67
C VAL B 248 -3.35 -2.68 -21.63
N PRO B 249 -4.13 -2.75 -22.73
CA PRO B 249 -5.28 -3.64 -22.72
C PRO B 249 -4.87 -5.06 -22.32
N GLN B 250 -5.70 -5.69 -21.50
CA GLN B 250 -5.47 -7.04 -20.99
C GLN B 250 -6.34 -8.08 -21.66
N PRO B 251 -5.95 -9.37 -21.54
CA PRO B 251 -6.69 -10.51 -22.10
C PRO B 251 -8.15 -10.55 -21.65
N LEU B 252 -9.06 -10.72 -22.61
CA LEU B 252 -10.48 -10.77 -22.30
C LEU B 252 -10.89 -12.08 -21.64
N ASN B 253 -10.14 -13.14 -21.93
CA ASN B 253 -10.40 -14.47 -21.38
C ASN B 253 -11.88 -14.88 -21.35
N GLN B 254 -12.51 -14.88 -22.52
CA GLN B 254 -13.91 -15.28 -22.67
C GLN B 254 -14.92 -14.53 -21.79
N ARG B 255 -14.78 -13.20 -21.68
CA ARG B 255 -15.71 -12.40 -20.87
C ARG B 255 -16.72 -11.71 -21.77
N THR B 256 -17.98 -11.65 -21.33
CA THR B 256 -19.00 -11.00 -22.12
C THR B 256 -19.05 -9.50 -21.86
N ILE B 257 -18.95 -8.72 -22.92
CA ILE B 257 -18.99 -7.27 -22.83
C ILE B 257 -20.34 -6.82 -23.35
N PHE B 258 -21.20 -6.36 -22.44
CA PHE B 258 -22.55 -5.90 -22.80
C PHE B 258 -22.53 -4.44 -23.19
N ALA B 259 -23.56 -4.01 -23.91
CA ALA B 259 -23.70 -2.62 -24.30
C ALA B 259 -25.15 -2.21 -24.20
N SER B 260 -25.36 -0.98 -23.75
CA SER B 260 -26.69 -0.38 -23.57
C SER B 260 -27.33 -0.11 -24.92
N PHE B 261 -26.51 -0.05 -25.96
CA PHE B 261 -27.04 0.21 -27.28
C PHE B 261 -26.72 -0.84 -28.35
#